data_2WPU
#
_entry.id   2WPU
#
_cell.length_a   57.680
_cell.length_b   57.680
_cell.length_c   183.694
_cell.angle_alpha   90.00
_cell.angle_beta   90.00
_cell.angle_gamma   90.00
#
_symmetry.space_group_name_H-M   'I 41 2 2'
#
loop_
_entity.id
_entity.type
_entity.pdbx_description
1 polymer STREPTAVIDIN
2 non-polymer (3AS,4S,6AR)-4-(5-((3R,4R)-3,4-DIAMINOPYRROLIDIN-1-YL)-5-OXOPENTYL)TETRAHYDRO-1H-THIENO[3,4-D]IMIDAZOL-2(3H)-ONE-P-CYMENE-CHLORO-RUTHENIUM(III)
3 non-polymer 'SULFATE ION'
4 non-polymer GLYCEROL
5 water water
#
_entity_poly.entity_id   1
_entity_poly.type   'polypeptide(L)'
_entity_poly.pdbx_seq_one_letter_code
;MASMTGGQQMGRDEAGITGTWYNQLGSTFIVTAGADGALTGTYESAVGNAESRYVLTGRYDSAPATDGSGTALGWTVAWK
NNYRNAHSATTWSGQYVGGAEARINTQWLLTSGTTEANAWKSTLVGHDTFTKVKPSAASIDAAKKAGVNNGNPLDAVQQ
;
_entity_poly.pdbx_strand_id   A
#
# COMPACT_ATOMS: atom_id res chain seq x y z
N ASP A 13 -9.28 -12.67 -7.06
CA ASP A 13 -8.64 -12.70 -5.71
C ASP A 13 -9.24 -11.63 -4.81
N GLU A 14 -10.54 -11.36 -4.98
CA GLU A 14 -11.27 -10.44 -4.13
C GLU A 14 -11.22 -10.89 -2.68
N ALA A 15 -11.50 -12.17 -2.48
CA ALA A 15 -11.47 -12.79 -1.15
C ALA A 15 -10.07 -12.78 -0.55
N GLY A 16 -9.08 -13.12 -1.38
CA GLY A 16 -7.69 -13.26 -0.93
C GLY A 16 -7.02 -11.96 -0.48
N ILE A 17 -7.33 -10.87 -1.19
CA ILE A 17 -6.74 -9.56 -0.90
C ILE A 17 -7.40 -8.88 0.31
N THR A 18 -8.72 -8.99 0.40
CA THR A 18 -9.48 -8.34 1.47
C THR A 18 -9.03 -8.85 2.84
N GLY A 19 -8.77 -7.91 3.76
CA GLY A 19 -8.37 -8.24 5.12
C GLY A 19 -7.23 -7.38 5.63
N THR A 20 -6.56 -7.88 6.66
CA THR A 20 -5.50 -7.15 7.33
C THR A 20 -4.15 -7.72 6.94
N TRP A 21 -3.22 -6.83 6.57
CA TRP A 21 -1.87 -7.21 6.17
C TRP A 21 -0.85 -6.48 7.01
N TYR A 22 0.33 -7.10 7.17
CA TYR A 22 1.42 -6.54 7.98
C TYR A 22 2.73 -6.58 7.20
N ASN A 23 3.51 -5.50 7.24
CA ASN A 23 4.79 -5.50 6.54
C ASN A 23 5.99 -5.68 7.48
N GLN A 24 7.17 -5.71 6.88
CA GLN A 24 8.41 -5.97 7.62
C GLN A 24 8.78 -4.88 8.64
N LEU A 25 8.18 -3.70 8.49
CA LEU A 25 8.39 -2.60 9.42
C LEU A 25 7.41 -2.63 10.60
N GLY A 26 6.40 -3.49 10.52
CA GLY A 26 5.36 -3.58 11.54
C GLY A 26 4.14 -2.74 11.23
N SER A 27 4.10 -2.15 10.03
CA SER A 27 2.96 -1.35 9.61
C SER A 27 1.75 -2.23 9.30
N THR A 28 0.56 -1.67 9.45
CA THR A 28 -0.70 -2.41 9.28
C THR A 28 -1.52 -1.83 8.14
N PHE A 29 -1.94 -2.72 7.25
CA PHE A 29 -2.62 -2.37 6.01
C PHE A 29 -3.94 -3.15 6.02
N ILE A 30 -5.05 -2.42 6.15
CA ILE A 30 -6.39 -3.00 6.17
C ILE A 30 -7.13 -2.59 4.90
N VAL A 31 -7.59 -3.57 4.13
CA VAL A 31 -8.14 -3.29 2.80
C VAL A 31 -9.35 -4.14 2.46
N THR A 32 -10.29 -3.54 1.71
CA THR A 32 -11.38 -4.28 1.10
C THR A 32 -11.25 -4.16 -0.41
N ALA A 33 -11.26 -5.31 -1.08
CA ALA A 33 -11.21 -5.37 -2.54
C ALA A 33 -12.63 -5.50 -3.08
N GLY A 34 -12.98 -4.63 -4.03
CA GLY A 34 -14.30 -4.69 -4.69
C GLY A 34 -14.27 -5.61 -5.88
N ALA A 35 -15.45 -6.02 -6.35
CA ALA A 35 -15.55 -6.94 -7.49
C ALA A 35 -15.03 -6.31 -8.80
N ASP A 36 -15.16 -4.99 -8.91
CA ASP A 36 -14.75 -4.24 -10.09
C ASP A 36 -13.24 -4.01 -10.20
N GLY A 37 -12.54 -4.08 -9.07
CA GLY A 37 -11.11 -3.76 -9.01
C GLY A 37 -10.76 -2.66 -8.04
N ALA A 38 -11.72 -2.20 -7.25
CA ALA A 38 -11.46 -1.14 -6.27
C ALA A 38 -10.72 -1.68 -5.04
N LEU A 39 -9.80 -0.87 -4.52
CA LEU A 39 -9.20 -1.11 -3.22
C LEU A 39 -9.50 0.08 -2.32
N THR A 40 -9.96 -0.18 -1.11
CA THR A 40 -10.31 0.86 -0.16
C THR A 40 -9.95 0.37 1.25
N GLY A 41 -9.43 1.26 2.08
CA GLY A 41 -9.12 0.90 3.46
C GLY A 41 -8.33 1.94 4.22
N THR A 42 -7.56 1.47 5.20
CA THR A 42 -6.75 2.33 6.05
C THR A 42 -5.34 1.77 6.18
N TYR A 43 -4.37 2.67 6.37
CA TYR A 43 -2.97 2.30 6.54
C TYR A 43 -2.44 2.92 7.82
N GLU A 44 -1.70 2.13 8.60
CA GLU A 44 -1.04 2.61 9.80
C GLU A 44 0.45 2.28 9.73
N SER A 45 1.28 3.32 9.63
CA SER A 45 2.73 3.16 9.52
C SER A 45 3.37 3.02 10.89
N ALA A 46 4.22 2.00 11.04
CA ALA A 46 5.00 1.81 12.27
C ALA A 46 6.21 2.76 12.34
N VAL A 47 6.55 3.42 11.24
CA VAL A 47 7.69 4.33 11.19
C VAL A 47 7.31 5.69 10.60
N GLY A 48 8.20 6.66 10.79
CA GLY A 48 8.10 7.95 10.12
C GLY A 48 7.18 8.95 10.77
N ASN A 49 6.95 10.05 10.06
CA ASN A 49 6.09 11.14 10.52
C ASN A 49 4.62 10.76 10.28
N ALA A 50 4.13 9.85 11.10
CA ALA A 50 2.78 9.31 10.95
C ALA A 50 2.27 8.83 12.30
N GLU A 51 0.97 8.94 12.52
CA GLU A 51 0.35 8.33 13.69
C GLU A 51 -1.11 7.98 13.38
N SER A 52 -1.56 6.84 13.91
CA SER A 52 -2.91 6.34 13.72
C SER A 52 -3.16 5.97 12.25
N ARG A 53 -4.42 5.95 11.84
CA ARG A 53 -4.80 5.44 10.53
C ARG A 53 -4.96 6.54 9.49
N TYR A 54 -4.60 6.20 8.24
CA TYR A 54 -4.75 7.08 7.10
C TYR A 54 -5.57 6.37 6.03
N VAL A 55 -6.39 7.14 5.32
CA VAL A 55 -7.19 6.60 4.23
C VAL A 55 -6.27 6.13 3.11
N LEU A 56 -6.60 4.97 2.54
CA LEU A 56 -5.94 4.51 1.33
C LEU A 56 -6.98 4.15 0.28
N THR A 57 -6.60 4.34 -0.98
CA THR A 57 -7.41 3.93 -2.10
C THR A 57 -6.50 3.40 -3.20
N GLY A 58 -7.00 2.42 -3.96
CA GLY A 58 -6.19 1.83 -5.01
C GLY A 58 -6.99 1.00 -6.00
N ARG A 59 -6.27 0.26 -6.82
CA ARG A 59 -6.87 -0.59 -7.85
C ARG A 59 -6.11 -1.91 -7.91
N TYR A 60 -6.82 -2.96 -8.31
CA TYR A 60 -6.19 -4.26 -8.56
C TYR A 60 -6.81 -4.90 -9.79
N ASP A 61 -6.07 -5.83 -10.39
CA ASP A 61 -6.54 -6.62 -11.53
C ASP A 61 -7.55 -7.65 -11.03
N SER A 62 -8.83 -7.41 -11.33
CA SER A 62 -9.92 -8.28 -10.86
C SER A 62 -10.13 -9.55 -11.69
N ALA A 63 -9.39 -9.67 -12.80
CA ALA A 63 -9.40 -10.89 -13.61
C ALA A 63 -7.97 -11.22 -14.04
N PRO A 64 -7.15 -11.69 -13.08
CA PRO A 64 -5.74 -11.97 -13.37
C PRO A 64 -5.53 -13.23 -14.20
N ALA A 65 -4.32 -13.37 -14.73
CA ALA A 65 -3.95 -14.57 -15.49
C ALA A 65 -4.03 -15.80 -14.58
N THR A 66 -4.43 -16.92 -15.14
CA THR A 66 -4.61 -18.17 -14.39
C THR A 66 -3.48 -19.16 -14.71
N ASP A 67 -2.26 -18.63 -14.87
CA ASP A 67 -1.09 -19.45 -15.21
C ASP A 67 -0.08 -19.45 -14.06
N GLY A 68 -0.56 -19.21 -12.84
CA GLY A 68 0.30 -19.13 -11.66
C GLY A 68 0.89 -17.74 -11.42
N SER A 69 0.52 -16.77 -12.24
CA SER A 69 1.01 -15.41 -12.09
C SER A 69 0.37 -14.71 -10.89
N GLY A 70 1.05 -13.70 -10.37
CA GLY A 70 0.50 -12.87 -9.30
C GLY A 70 -0.53 -11.89 -9.84
N THR A 71 -1.21 -11.21 -8.91
CA THR A 71 -2.26 -10.25 -9.24
C THR A 71 -1.75 -8.83 -9.03
N ALA A 72 -1.64 -8.07 -10.11
CA ALA A 72 -1.12 -6.70 -10.06
C ALA A 72 -2.06 -5.78 -9.30
N LEU A 73 -1.48 -4.91 -8.48
CA LEU A 73 -2.27 -3.94 -7.74
C LEU A 73 -1.42 -2.74 -7.32
N GLY A 74 -2.11 -1.68 -6.90
CA GLY A 74 -1.45 -0.51 -6.36
C GLY A 74 -2.39 0.27 -5.49
N TRP A 75 -1.84 1.08 -4.60
CA TRP A 75 -2.64 1.97 -3.76
C TRP A 75 -1.85 3.17 -3.30
N THR A 76 -2.57 4.20 -2.86
CA THR A 76 -1.99 5.46 -2.42
C THR A 76 -2.45 5.81 -1.01
N VAL A 77 -1.54 6.34 -0.21
CA VAL A 77 -1.85 6.99 1.06
C VAL A 77 -1.28 8.41 1.02
N ALA A 78 -2.13 9.39 1.27
CA ALA A 78 -1.69 10.76 1.53
C ALA A 78 -1.57 10.90 3.03
N TRP A 79 -0.41 11.36 3.50
CA TRP A 79 -0.08 11.31 4.93
C TRP A 79 -0.67 12.48 5.71
N LYS A 80 -1.96 12.72 5.49
CA LYS A 80 -2.74 13.68 6.25
C LYS A 80 -3.92 12.95 6.87
N ASN A 81 -4.08 13.12 8.17
CA ASN A 81 -5.30 12.68 8.87
C ASN A 81 -5.62 13.72 9.95
N ASN A 82 -6.50 13.39 10.89
CA ASN A 82 -6.88 14.34 11.93
C ASN A 82 -5.76 14.66 12.93
N TYR A 83 -4.75 13.81 13.00
CA TYR A 83 -3.63 13.96 13.94
C TYR A 83 -2.43 14.70 13.36
N ARG A 84 -2.08 14.37 12.12
CA ARG A 84 -0.86 14.91 11.49
C ARG A 84 -1.02 15.15 10.00
N ASN A 85 -0.16 16.02 9.48
CA ASN A 85 0.01 16.18 8.05
C ASN A 85 1.51 16.25 7.72
N ALA A 86 2.03 15.21 7.09
CA ALA A 86 3.44 15.15 6.70
C ALA A 86 3.69 15.67 5.28
N HIS A 87 2.67 16.27 4.66
CA HIS A 87 2.78 16.86 3.32
C HIS A 87 3.50 15.93 2.35
N SER A 88 2.99 14.71 2.27
CA SER A 88 3.57 13.70 1.40
C SER A 88 2.54 12.64 1.08
N ALA A 89 2.87 11.82 0.09
CA ALA A 89 2.03 10.71 -0.33
C ALA A 89 2.91 9.55 -0.76
N THR A 90 2.54 8.34 -0.36
CA THR A 90 3.22 7.14 -0.80
C THR A 90 2.30 6.34 -1.69
N THR A 91 2.84 5.85 -2.80
CA THR A 91 2.16 4.87 -3.63
C THR A 91 2.94 3.57 -3.60
N TRP A 92 2.21 2.46 -3.38
CA TRP A 92 2.79 1.12 -3.44
C TRP A 92 2.33 0.48 -4.75
N SER A 93 3.26 -0.07 -5.49
CA SER A 93 2.97 -0.82 -6.71
C SER A 93 3.55 -2.22 -6.54
N GLY A 94 2.74 -3.24 -6.82
CA GLY A 94 3.20 -4.60 -6.65
C GLY A 94 2.24 -5.66 -7.11
N GLN A 95 2.39 -6.86 -6.56
CA GLN A 95 1.50 -7.96 -6.89
C GLN A 95 1.18 -8.83 -5.68
N TYR A 96 -0.05 -9.32 -5.68
CA TYR A 96 -0.55 -10.24 -4.68
C TYR A 96 -0.33 -11.66 -5.15
N VAL A 97 0.20 -12.49 -4.25
CA VAL A 97 0.41 -13.91 -4.51
C VAL A 97 -0.31 -14.69 -3.42
N GLY A 98 -1.23 -15.56 -3.80
CA GLY A 98 -2.03 -16.33 -2.85
C GLY A 98 -1.34 -17.58 -2.34
N GLY A 99 -2.11 -18.44 -1.68
CA GLY A 99 -1.60 -19.71 -1.18
C GLY A 99 -1.25 -19.67 0.30
N ALA A 100 -0.60 -20.73 0.77
CA ALA A 100 -0.25 -20.90 2.18
C ALA A 100 0.55 -19.72 2.72
N GLU A 101 1.56 -19.31 1.96
CA GLU A 101 2.39 -18.16 2.29
C GLU A 101 1.96 -16.97 1.43
N ALA A 102 0.71 -16.54 1.61
CA ALA A 102 0.15 -15.43 0.83
C ALA A 102 0.93 -14.15 1.11
N ARG A 103 1.22 -13.39 0.05
CA ARG A 103 2.03 -12.19 0.19
C ARG A 103 1.62 -11.11 -0.79
N ILE A 104 1.86 -9.86 -0.40
CA ILE A 104 1.81 -8.73 -1.33
C ILE A 104 3.22 -8.14 -1.37
N ASN A 105 3.89 -8.32 -2.50
CA ASN A 105 5.24 -7.81 -2.70
C ASN A 105 5.16 -6.48 -3.44
N THR A 106 5.72 -5.43 -2.85
CA THR A 106 5.61 -4.09 -3.40
C THR A 106 6.93 -3.35 -3.48
N GLN A 107 6.96 -2.38 -4.38
CA GLN A 107 7.91 -1.30 -4.36
C GLN A 107 7.09 -0.03 -4.18
N TRP A 108 7.65 0.97 -3.50
CA TRP A 108 6.90 2.20 -3.25
C TRP A 108 7.69 3.46 -3.56
N LEU A 109 6.95 4.53 -3.84
CA LEU A 109 7.49 5.86 -4.03
C LEU A 109 6.81 6.82 -3.06
N LEU A 110 7.60 7.46 -2.20
CA LEU A 110 7.10 8.47 -1.26
C LEU A 110 7.53 9.84 -1.75
N THR A 111 6.57 10.65 -2.20
CA THR A 111 6.88 12.01 -2.66
C THR A 111 6.40 13.03 -1.64
N SER A 112 7.25 13.99 -1.32
CA SER A 112 6.90 15.08 -0.43
C SER A 112 6.69 16.37 -1.21
N GLY A 113 5.77 17.21 -0.72
CA GLY A 113 5.61 18.55 -1.26
C GLY A 113 6.87 19.34 -0.97
N THR A 114 7.47 19.91 -2.01
CA THR A 114 8.70 20.68 -1.87
C THR A 114 8.64 21.96 -2.71
N THR A 115 9.57 22.86 -2.43
CA THR A 115 9.82 24.00 -3.31
C THR A 115 10.49 23.46 -4.57
N GLU A 116 10.48 24.25 -5.64
CA GLU A 116 11.09 23.83 -6.90
C GLU A 116 12.59 23.59 -6.75
N ALA A 117 13.22 24.35 -5.87
CA ALA A 117 14.66 24.20 -5.58
C ALA A 117 14.99 22.86 -4.91
N ASN A 118 14.05 22.28 -4.19
CA ASN A 118 14.26 20.99 -3.51
C ASN A 118 13.54 19.80 -4.18
N ALA A 119 12.96 20.02 -5.35
CA ALA A 119 12.22 18.97 -6.06
C ALA A 119 13.08 17.75 -6.39
N TRP A 120 14.37 17.95 -6.65
CA TRP A 120 15.28 16.85 -6.97
C TRP A 120 15.38 15.81 -5.85
N LYS A 121 15.17 16.23 -4.60
CA LYS A 121 15.22 15.34 -3.44
C LYS A 121 13.84 15.12 -2.82
N SER A 122 12.80 15.13 -3.64
CA SER A 122 11.42 15.05 -3.16
C SER A 122 10.91 13.62 -2.98
N THR A 123 11.59 12.63 -3.58
CA THR A 123 11.02 11.28 -3.70
C THR A 123 11.92 10.18 -3.14
N LEU A 124 11.42 9.48 -2.13
CA LEU A 124 12.07 8.28 -1.60
C LEU A 124 11.52 7.05 -2.31
N VAL A 125 12.36 6.03 -2.44
CA VAL A 125 11.96 4.75 -3.01
C VAL A 125 12.33 3.62 -2.06
N GLY A 126 11.44 2.64 -1.93
CA GLY A 126 11.69 1.48 -1.10
C GLY A 126 10.87 0.28 -1.56
N HIS A 127 10.84 -0.75 -0.72
CA HIS A 127 10.06 -1.95 -0.99
C HIS A 127 9.52 -2.52 0.31
N ASP A 128 8.23 -2.86 0.31
CA ASP A 128 7.56 -3.48 1.45
C ASP A 128 7.00 -4.83 1.02
N THR A 129 7.13 -5.83 1.89
CA THR A 129 6.45 -7.11 1.70
C THR A 129 5.44 -7.27 2.82
N PHE A 130 4.19 -7.54 2.43
CA PHE A 130 3.09 -7.70 3.37
C PHE A 130 2.69 -9.17 3.47
N THR A 131 2.41 -9.61 4.69
CA THR A 131 1.88 -10.95 4.94
C THR A 131 0.65 -10.89 5.82
N LYS A 132 -0.08 -12.00 5.89
CA LYS A 132 -1.29 -12.09 6.72
C LYS A 132 -0.99 -12.27 8.21
N VAL A 133 0.24 -12.66 8.52
CA VAL A 133 0.68 -12.85 9.92
C VAL A 133 1.70 -11.78 10.31
N LYS A 134 2.03 -11.73 11.60
CA LYS A 134 2.90 -10.71 12.21
C LYS A 134 2.07 -9.50 12.65
#